data_4PW0
#
_entry.id   4PW0
#
_cell.length_a   110.380
_cell.length_b   110.380
_cell.length_c   59.184
_cell.angle_alpha   90.000
_cell.angle_beta   90.000
_cell.angle_gamma   120.000
#
_symmetry.space_group_name_H-M   'P 62'
#
loop_
_entity.id
_entity.type
_entity.pdbx_description
1 polymer 'Alpha/beta hydrolase fold protein'
2 non-polymer 'CHLORIDE ION'
3 water water
#
_entity_poly.entity_id   1
_entity_poly.type   'polypeptide(L)'
_entity_poly.pdbx_seq_one_letter_code
;SNA(MSE)HTPLNDHATAPTQYIEVNGTRYAYRSLGAPSDIPLICFQHFTGTLDNWDPLITNGLSKGRQLIIFDNKGVGL
SSGTTPDNVAA(MSE)TADALEFITALGIRYFDVLGFSLGGFIVQY(MSE)AHIQPD(MSE)IRKIIIVGAAPQGVKVLH
TFPDLIARA(MSE)QLEPKERFLFIFFEQSEHSRSKGLATLGRLYERTTDRDQDASAQAIGAQLTAITNWGKKTPSFEIT
SIQHPVFVVQGSNDE(MSE)(MSE)DTYNSYELFKQLPDAILSLYPDAAHGSFYQYPELFVSQTEYFLDSY
;
_entity_poly.pdbx_strand_id   A
#
# COMPACT_ATOMS: atom_id res chain seq x y z
N ASN A 9 13.30 -15.13 7.73
N ASN A 9 13.20 -15.55 8.42
CA ASN A 9 12.46 -14.51 8.78
CA ASN A 9 12.49 -14.29 8.78
C ASN A 9 11.03 -14.25 8.26
N ASP A 10 10.10 -14.44 9.15
CA ASP A 10 8.71 -14.21 8.84
C ASP A 10 8.27 -12.89 9.41
N HIS A 11 6.97 -12.58 9.23
CA HIS A 11 6.51 -11.28 9.66
C HIS A 11 6.75 -11.03 11.14
N ALA A 12 6.47 -12.04 11.99
CA ALA A 12 6.59 -11.85 13.42
C ALA A 12 8.05 -11.70 13.87
N THR A 13 8.99 -12.34 13.16
CA THR A 13 10.37 -12.42 13.64
C THR A 13 11.37 -11.53 12.92
N ALA A 14 11.02 -10.98 11.76
CA ALA A 14 11.99 -10.18 11.01
C ALA A 14 12.37 -8.93 11.84
N PRO A 15 13.70 -8.67 12.07
CA PRO A 15 14.03 -7.53 12.88
C PRO A 15 13.79 -6.25 12.11
N THR A 16 13.47 -5.20 12.84
CA THR A 16 13.44 -3.88 12.26
C THR A 16 14.90 -3.45 12.01
N GLN A 17 15.20 -3.13 10.76
CA GLN A 17 16.50 -2.68 10.32
C GLN A 17 16.44 -1.19 9.97
N TYR A 18 17.59 -0.56 9.93
CA TYR A 18 17.67 0.85 9.71
C TYR A 18 18.77 1.13 8.72
N ILE A 19 18.52 2.10 7.85
CA ILE A 19 19.52 2.55 6.89
C ILE A 19 19.48 4.07 6.78
N GLU A 20 20.67 4.69 6.88
CA GLU A 20 20.80 6.13 6.82
CA GLU A 20 20.76 6.14 6.81
C GLU A 20 21.08 6.54 5.38
N VAL A 21 20.25 7.46 4.87
CA VAL A 21 20.27 7.87 3.45
C VAL A 21 20.06 9.38 3.36
N ASN A 22 21.04 10.15 2.90
CA ASN A 22 20.83 11.59 2.68
CA ASN A 22 20.86 11.60 2.70
C ASN A 22 20.22 12.27 3.93
N GLY A 23 20.73 11.93 5.11
CA GLY A 23 20.28 12.52 6.36
C GLY A 23 18.99 11.97 6.99
N THR A 24 18.42 10.91 6.43
CA THR A 24 17.20 10.32 6.96
C THR A 24 17.48 8.85 7.34
N ARG A 25 16.98 8.44 8.49
CA ARG A 25 17.04 7.05 8.93
CA ARG A 25 17.04 7.05 8.94
C ARG A 25 15.74 6.39 8.50
N TYR A 26 15.83 5.42 7.58
CA TYR A 26 14.66 4.61 7.14
C TYR A 26 14.62 3.30 7.89
N ALA A 27 13.46 3.02 8.49
CA ALA A 27 13.19 1.76 9.13
C ALA A 27 12.52 0.79 8.13
N TYR A 28 12.95 -0.47 8.15
CA TYR A 28 12.43 -1.45 7.22
C TYR A 28 12.61 -2.84 7.75
N ARG A 29 11.93 -3.76 7.12
CA ARG A 29 12.10 -5.20 7.34
C ARG A 29 12.18 -5.94 6.04
N SER A 30 12.96 -7.01 6.05
CA SER A 30 13.13 -7.87 4.89
C SER A 30 12.67 -9.26 5.27
N LEU A 31 11.68 -9.75 4.53
CA LEU A 31 11.10 -11.05 4.77
C LEU A 31 11.46 -12.00 3.68
N GLY A 32 11.48 -13.28 4.04
CA GLY A 32 11.85 -14.31 3.08
C GLY A 32 13.35 -14.38 2.84
N ALA A 33 13.72 -15.27 1.95
CA ALA A 33 15.09 -15.39 1.49
C ALA A 33 15.43 -14.31 0.49
N PRO A 34 16.64 -13.74 0.56
CA PRO A 34 17.05 -12.80 -0.48
C PRO A 34 16.84 -13.36 -1.88
N SER A 35 16.40 -12.49 -2.81
CA SER A 35 16.11 -12.91 -4.18
C SER A 35 16.47 -11.80 -5.16
N ASP A 36 16.56 -12.15 -6.43
CA ASP A 36 17.08 -11.22 -7.43
C ASP A 36 16.12 -10.09 -7.76
N ILE A 37 14.82 -10.36 -7.64
CA ILE A 37 13.79 -9.34 -7.94
C ILE A 37 12.87 -9.28 -6.72
N PRO A 38 13.22 -8.44 -5.74
CA PRO A 38 12.40 -8.36 -4.54
C PRO A 38 11.05 -7.65 -4.84
N LEU A 39 10.10 -7.84 -3.93
CA LEU A 39 8.83 -7.11 -3.96
C LEU A 39 8.92 -6.04 -2.89
N ILE A 40 8.82 -4.80 -3.31
CA ILE A 40 8.83 -3.64 -2.39
CA ILE A 40 8.82 -3.69 -2.37
C ILE A 40 7.36 -3.21 -2.15
N CYS A 41 7.00 -3.08 -0.89
CA CYS A 41 5.63 -2.82 -0.47
C CYS A 41 5.48 -1.42 0.08
N PHE A 42 4.40 -0.76 -0.29
CA PHE A 42 4.12 0.64 0.01
C PHE A 42 2.81 0.76 0.74
N GLN A 43 2.86 1.32 1.93
CA GLN A 43 1.78 1.22 2.93
C GLN A 43 0.64 2.23 2.77
N HIS A 44 -0.47 1.92 3.43
CA HIS A 44 -1.65 2.81 3.46
C HIS A 44 -1.56 4.00 4.37
N PHE A 45 -2.61 4.84 4.36
CA PHE A 45 -2.73 6.08 5.21
C PHE A 45 -2.69 5.77 6.69
N THR A 46 -1.72 6.35 7.37
CA THR A 46 -1.40 6.18 8.79
C THR A 46 -0.71 4.86 9.12
N GLY A 47 -0.58 3.95 8.17
CA GLY A 47 -0.02 2.63 8.48
C GLY A 47 1.45 2.65 8.71
N THR A 48 1.88 1.73 9.57
CA THR A 48 3.30 1.50 9.86
C THR A 48 3.66 0.08 9.49
N LEU A 49 4.86 -0.35 9.86
CA LEU A 49 5.30 -1.65 9.51
C LEU A 49 4.35 -2.75 10.01
N ASP A 50 3.73 -2.49 11.18
CA ASP A 50 2.88 -3.42 11.90
CA ASP A 50 2.88 -3.61 11.66
C ASP A 50 1.41 -3.47 11.39
N ASN A 51 1.11 -2.60 10.41
CA ASN A 51 -0.23 -2.64 9.76
C ASN A 51 -0.28 -3.57 8.58
N TRP A 52 0.87 -4.11 8.14
CA TRP A 52 0.87 -5.16 7.15
C TRP A 52 0.28 -6.45 7.70
N ASP A 53 -0.52 -7.13 6.90
CA ASP A 53 -1.17 -8.37 7.29
C ASP A 53 -0.12 -9.47 7.20
N PRO A 54 0.19 -10.13 8.36
CA PRO A 54 1.16 -11.22 8.28
C PRO A 54 0.79 -12.36 7.34
N LEU A 55 -0.50 -12.62 7.12
CA LEU A 55 -0.82 -13.65 6.14
C LEU A 55 -0.35 -13.29 4.74
N ILE A 56 -0.41 -12.00 4.43
CA ILE A 56 -0.02 -11.54 3.13
C ILE A 56 1.48 -11.45 2.98
N THR A 57 2.13 -10.85 3.99
CA THR A 57 3.57 -10.74 3.87
C THR A 57 4.28 -12.10 4.03
N ASN A 58 3.77 -12.96 4.90
CA ASN A 58 4.31 -14.32 4.95
C ASN A 58 4.03 -15.08 3.65
N GLY A 59 2.80 -14.98 3.15
CA GLY A 59 2.47 -15.70 1.96
C GLY A 59 3.29 -15.32 0.72
N LEU A 60 3.48 -14.01 0.52
CA LEU A 60 4.22 -13.56 -0.62
C LEU A 60 5.73 -13.74 -0.44
N SER A 61 6.23 -13.74 0.78
CA SER A 61 7.67 -13.92 1.02
C SER A 61 8.12 -15.38 0.93
N LYS A 62 7.18 -16.32 0.77
CA LYS A 62 7.58 -17.69 0.47
C LYS A 62 8.32 -17.81 -0.86
N GLY A 63 7.99 -16.95 -1.80
CA GLY A 63 8.49 -17.05 -3.13
C GLY A 63 9.40 -15.95 -3.62
N ARG A 64 9.67 -14.96 -2.76
CA ARG A 64 10.53 -13.83 -3.10
C ARG A 64 10.90 -13.11 -1.83
N GLN A 65 11.95 -12.30 -1.94
CA GLN A 65 12.29 -11.38 -0.87
C GLN A 65 11.23 -10.27 -0.88
N LEU A 66 10.76 -9.90 0.29
CA LEU A 66 9.75 -8.87 0.43
C LEU A 66 10.27 -7.81 1.38
N ILE A 67 10.23 -6.55 0.96
CA ILE A 67 10.65 -5.43 1.77
C ILE A 67 9.44 -4.60 2.13
N ILE A 68 9.24 -4.42 3.42
CA ILE A 68 8.29 -3.45 3.97
C ILE A 68 9.10 -2.34 4.61
N PHE A 69 8.65 -1.11 4.47
CA PHE A 69 9.38 0.02 4.99
C PHE A 69 8.50 1.14 5.45
N ASP A 70 9.02 1.98 6.34
CA ASP A 70 8.40 3.23 6.69
C ASP A 70 9.01 4.33 5.83
N ASN A 71 8.19 5.01 5.05
CA ASN A 71 8.67 6.14 4.29
C ASN A 71 9.07 7.29 5.27
N LYS A 72 9.68 8.36 4.74
CA LYS A 72 10.28 9.41 5.53
C LYS A 72 9.26 9.96 6.53
N GLY A 73 9.67 10.02 7.79
CA GLY A 73 8.87 10.54 8.87
C GLY A 73 7.84 9.63 9.50
N VAL A 74 7.58 8.51 8.85
CA VAL A 74 6.53 7.58 9.30
C VAL A 74 7.12 6.61 10.32
N GLY A 75 6.49 6.48 11.49
CA GLY A 75 6.89 5.45 12.45
C GLY A 75 8.34 5.66 12.87
N LEU A 76 9.09 4.58 12.82
CA LEU A 76 10.51 4.61 13.24
C LEU A 76 11.43 5.27 12.20
N SER A 77 10.94 5.62 11.01
CA SER A 77 11.74 6.44 10.12
C SER A 77 11.80 7.88 10.57
N SER A 78 12.99 8.45 10.48
CA SER A 78 13.14 9.83 10.92
C SER A 78 12.68 10.84 9.87
N GLY A 79 12.73 12.10 10.26
CA GLY A 79 12.50 13.19 9.37
C GLY A 79 11.04 13.65 9.28
N THR A 80 10.79 14.47 8.28
CA THR A 80 9.54 15.18 8.06
C THR A 80 8.87 14.54 6.85
N THR A 81 7.65 14.03 7.03
CA THR A 81 6.90 13.48 5.90
C THR A 81 6.50 14.62 4.97
N PRO A 82 6.79 14.49 3.66
CA PRO A 82 6.37 15.58 2.74
C PRO A 82 4.88 15.52 2.40
N ASP A 83 4.35 16.59 1.83
CA ASP A 83 2.92 16.76 1.69
C ASP A 83 2.33 16.30 0.35
N ASN A 84 3.11 15.54 -0.41
CA ASN A 84 2.71 15.19 -1.77
C ASN A 84 3.33 13.84 -2.19
N VAL A 85 2.59 13.16 -3.06
CA VAL A 85 3.00 11.85 -3.55
C VAL A 85 4.33 11.90 -4.31
N ALA A 86 4.56 12.95 -5.11
CA ALA A 86 5.79 12.98 -5.87
C ALA A 86 7.01 12.93 -4.97
N ALA A 87 6.99 13.70 -3.89
CA ALA A 87 8.11 13.68 -2.94
C ALA A 87 8.24 12.37 -2.20
N THR A 89 7.53 9.54 -3.40
CA THR A 89 8.08 8.64 -4.39
C THR A 89 9.61 8.86 -4.48
N ALA A 90 10.05 10.12 -4.53
CA ALA A 90 11.48 10.42 -4.56
C ALA A 90 12.20 9.89 -3.32
N ASP A 91 11.54 10.03 -2.16
CA ASP A 91 12.10 9.54 -0.91
C ASP A 91 12.20 8.01 -0.91
N ALA A 92 11.13 7.35 -1.36
CA ALA A 92 11.19 5.92 -1.44
C ALA A 92 12.32 5.43 -2.35
N LEU A 93 12.50 6.10 -3.47
CA LEU A 93 13.54 5.73 -4.39
C LEU A 93 14.94 5.89 -3.79
N GLU A 94 15.16 6.94 -2.99
CA GLU A 94 16.49 7.10 -2.36
CA GLU A 94 16.46 7.10 -2.34
C GLU A 94 16.73 5.92 -1.39
N PHE A 95 15.69 5.50 -0.69
CA PHE A 95 15.77 4.37 0.21
C PHE A 95 16.08 3.08 -0.51
N ILE A 96 15.32 2.79 -1.56
CA ILE A 96 15.44 1.51 -2.26
C ILE A 96 16.83 1.43 -2.91
N THR A 97 17.23 2.55 -3.51
CA THR A 97 18.54 2.57 -4.15
CA THR A 97 18.57 2.76 -4.14
C THR A 97 19.67 2.45 -3.12
N ALA A 98 19.50 3.00 -1.92
CA ALA A 98 20.50 2.84 -0.83
C ALA A 98 20.67 1.39 -0.41
N LEU A 99 19.62 0.58 -0.54
CA LEU A 99 19.73 -0.86 -0.27
C LEU A 99 20.44 -1.64 -1.40
N GLY A 100 20.69 -0.98 -2.52
CA GLY A 100 21.35 -1.61 -3.66
C GLY A 100 20.39 -2.32 -4.62
N ILE A 101 19.08 -2.02 -4.48
CA ILE A 101 18.07 -2.71 -5.29
C ILE A 101 17.78 -1.83 -6.49
N ARG A 102 18.03 -2.38 -7.69
CA ARG A 102 17.96 -1.69 -8.98
CA ARG A 102 17.83 -1.55 -8.88
C ARG A 102 16.75 -2.04 -9.83
N TYR A 103 16.13 -3.18 -9.51
CA TYR A 103 15.05 -3.73 -10.34
C TYR A 103 14.18 -4.54 -9.40
N PHE A 104 12.88 -4.25 -9.40
CA PHE A 104 12.04 -4.83 -8.36
C PHE A 104 10.58 -4.77 -8.79
N ASP A 105 9.78 -5.60 -8.15
CA ASP A 105 8.32 -5.50 -8.27
C ASP A 105 7.84 -4.59 -7.13
N VAL A 106 6.62 -4.05 -7.31
CA VAL A 106 6.03 -3.18 -6.28
C VAL A 106 4.59 -3.58 -5.97
N LEU A 107 4.23 -3.37 -4.71
CA LEU A 107 2.84 -3.57 -4.23
C LEU A 107 2.49 -2.32 -3.45
N GLY A 108 1.45 -1.60 -3.88
CA GLY A 108 1.04 -0.39 -3.21
C GLY A 108 -0.41 -0.52 -2.77
N PHE A 109 -0.65 -0.24 -1.48
CA PHE A 109 -2.00 -0.23 -0.92
C PHE A 109 -2.39 1.20 -0.57
N SER A 110 -3.52 1.67 -1.11
CA SER A 110 -4.13 2.96 -0.74
C SER A 110 -3.12 4.09 -1.16
N LEU A 111 -2.67 4.93 -0.24
CA LEU A 111 -1.63 5.90 -0.54
C LEU A 111 -0.45 5.26 -1.29
N GLY A 112 -0.03 4.06 -0.85
CA GLY A 112 1.03 3.37 -1.51
C GLY A 112 0.72 3.03 -2.96
N GLY A 113 -0.56 2.80 -3.25
CA GLY A 113 -0.99 2.57 -4.61
C GLY A 113 -0.87 3.80 -5.50
N PHE A 114 -0.92 4.99 -4.91
CA PHE A 114 -0.65 6.22 -5.68
C PHE A 114 0.87 6.32 -5.96
N ILE A 115 1.68 6.01 -4.96
CA ILE A 115 3.14 6.08 -5.10
C ILE A 115 3.63 5.13 -6.18
N VAL A 116 3.09 3.90 -6.26
CA VAL A 116 3.64 2.98 -7.26
C VAL A 116 3.28 3.43 -8.68
N GLN A 117 2.12 4.07 -8.86
CA GLN A 117 1.77 4.63 -10.18
C GLN A 117 2.76 5.74 -10.57
N TYR A 118 3.02 6.65 -9.64
CA TYR A 118 3.92 7.76 -9.91
C TYR A 118 5.33 7.22 -10.17
N ALA A 120 6.22 4.32 -11.36
CA ALA A 120 6.27 3.69 -12.67
C ALA A 120 6.38 4.74 -13.77
N HIS A 121 5.80 5.90 -13.56
CA HIS A 121 5.90 7.00 -14.47
C HIS A 121 7.32 7.59 -14.55
N ILE A 122 7.92 7.84 -13.37
CA ILE A 122 9.21 8.52 -13.36
C ILE A 122 10.42 7.60 -13.51
N GLN A 123 10.29 6.36 -13.03
CA GLN A 123 11.36 5.41 -13.06
C GLN A 123 10.91 4.05 -13.61
N PRO A 124 10.38 4.05 -14.84
CA PRO A 124 9.83 2.82 -15.39
C PRO A 124 10.79 1.66 -15.42
N ASP A 125 12.09 1.91 -15.70
CA ASP A 125 13.01 0.83 -15.90
C ASP A 125 13.47 0.15 -14.61
N ILE A 127 11.19 -0.82 -12.31
CA ILE A 127 10.04 -1.63 -11.87
C ILE A 127 9.75 -2.70 -12.94
N ARG A 128 9.51 -3.93 -12.49
CA ARG A 128 9.07 -4.98 -13.35
C ARG A 128 7.53 -5.08 -13.36
N LYS A 129 6.95 -5.58 -12.26
CA LYS A 129 5.48 -5.72 -12.20
C LYS A 129 4.95 -4.88 -11.04
N ILE A 130 3.67 -4.52 -11.17
CA ILE A 130 3.01 -3.62 -10.22
C ILE A 130 1.72 -4.24 -9.71
N ILE A 131 1.52 -4.16 -8.38
CA ILE A 131 0.23 -4.51 -7.75
C ILE A 131 -0.31 -3.26 -7.08
N ILE A 132 -1.59 -2.94 -7.37
CA ILE A 132 -2.28 -1.79 -6.81
C ILE A 132 -3.49 -2.33 -6.07
N VAL A 133 -3.58 -2.01 -4.78
CA VAL A 133 -4.72 -2.45 -3.95
C VAL A 133 -5.40 -1.21 -3.39
N GLY A 134 -6.73 -1.15 -3.53
CA GLY A 134 -7.46 -0.10 -2.83
C GLY A 134 -7.04 1.31 -3.19
N ALA A 135 -6.89 1.63 -4.47
CA ALA A 135 -6.43 2.95 -4.86
C ALA A 135 -7.21 3.48 -6.07
N ALA A 136 -6.62 4.46 -6.77
CA ALA A 136 -7.38 5.22 -7.77
C ALA A 136 -6.36 6.04 -8.54
N PRO A 137 -6.72 6.41 -9.78
CA PRO A 137 -5.83 7.31 -10.52
C PRO A 137 -5.84 8.75 -9.98
N GLN A 138 -4.86 9.53 -10.41
CA GLN A 138 -4.86 10.95 -10.15
C GLN A 138 -6.17 11.58 -10.61
N GLY A 139 -6.60 12.60 -9.86
CA GLY A 139 -7.65 13.50 -10.31
C GLY A 139 -9.07 13.12 -9.96
N VAL A 140 -9.23 12.01 -9.25
CA VAL A 140 -10.59 11.53 -9.01
C VAL A 140 -11.34 12.37 -7.99
N LYS A 141 -12.61 12.64 -8.31
CA LYS A 141 -13.43 13.52 -7.51
CA LYS A 141 -13.44 13.51 -7.51
C LYS A 141 -13.71 12.98 -6.10
N VAL A 142 -13.73 11.66 -5.94
CA VAL A 142 -14.06 11.09 -4.64
C VAL A 142 -13.06 11.56 -3.57
N LEU A 143 -11.82 11.80 -3.96
CA LEU A 143 -10.81 12.19 -2.98
C LEU A 143 -10.96 13.65 -2.56
N HIS A 144 -11.76 14.44 -3.29
CA HIS A 144 -12.00 15.81 -2.83
C HIS A 144 -12.66 15.83 -1.47
N THR A 145 -13.39 14.77 -1.14
CA THR A 145 -14.05 14.64 0.15
C THR A 145 -13.38 13.71 1.15
N PHE A 146 -12.15 13.34 0.83
CA PHE A 146 -11.36 12.53 1.74
C PHE A 146 -11.23 13.16 3.13
N PRO A 147 -10.99 14.49 3.22
CA PRO A 147 -10.94 15.04 4.58
C PRO A 147 -12.22 14.85 5.38
N ASP A 148 -13.38 14.96 4.75
CA ASP A 148 -14.64 14.70 5.46
C ASP A 148 -14.81 13.25 5.82
N LEU A 149 -14.28 12.32 5.02
CA LEU A 149 -14.35 10.90 5.39
C LEU A 149 -13.56 10.67 6.68
N ILE A 150 -12.40 11.30 6.73
CA ILE A 150 -11.54 11.15 7.90
C ILE A 150 -12.20 11.88 9.10
N ALA A 151 -12.84 13.01 8.90
CA ALA A 151 -13.57 13.71 10.00
C ALA A 151 -14.65 12.79 10.58
N ARG A 152 -15.31 11.96 9.77
CA ARG A 152 -16.31 10.99 10.26
CA ARG A 152 -16.30 10.97 10.24
C ARG A 152 -15.63 9.84 11.01
N ALA A 153 -14.53 9.32 10.45
CA ALA A 153 -13.81 8.25 11.07
C ALA A 153 -13.19 8.73 12.41
N GLN A 155 -14.31 10.31 14.75
CA GLN A 155 -15.26 10.23 15.87
C GLN A 155 -15.30 8.85 16.53
N LEU A 156 -14.59 7.86 15.92
CA LEU A 156 -14.72 6.46 16.27
C LEU A 156 -13.45 5.99 17.00
N GLU A 157 -13.68 5.15 17.99
CA GLU A 157 -12.62 4.46 18.72
C GLU A 157 -12.05 3.33 17.82
N PRO A 158 -11.00 2.66 18.28
CA PRO A 158 -10.20 1.94 17.31
C PRO A 158 -10.88 0.85 16.50
N LYS A 159 -11.62 -0.04 17.11
CA LYS A 159 -12.25 -1.14 16.35
C LYS A 159 -13.24 -0.56 15.36
N GLU A 160 -14.10 0.36 15.80
CA GLU A 160 -15.09 0.92 14.87
C GLU A 160 -14.43 1.78 13.80
N ARG A 161 -13.37 2.49 14.12
CA ARG A 161 -12.67 3.28 13.12
CA ARG A 161 -12.66 3.28 13.11
C ARG A 161 -12.10 2.33 12.03
N PHE A 162 -11.46 1.23 12.46
CA PHE A 162 -10.90 0.24 11.55
C PHE A 162 -11.98 -0.39 10.66
N LEU A 163 -13.12 -0.78 11.22
CA LEU A 163 -14.18 -1.39 10.43
C LEU A 163 -14.79 -0.37 9.49
N PHE A 164 -14.91 0.87 9.94
CA PHE A 164 -15.47 1.94 9.11
C PHE A 164 -14.62 2.20 7.88
N ILE A 165 -13.30 2.28 8.07
CA ILE A 165 -12.41 2.57 6.98
C ILE A 165 -12.24 1.40 6.04
N PHE A 166 -12.18 0.18 6.56
CA PHE A 166 -11.69 -0.95 5.78
C PHE A 166 -12.71 -2.00 5.36
N PHE A 167 -13.88 -2.02 6.01
CA PHE A 167 -14.82 -3.14 5.84
C PHE A 167 -16.24 -2.70 5.44
N GLU A 168 -17.00 -3.64 4.92
CA GLU A 168 -18.40 -3.43 4.61
C GLU A 168 -19.25 -3.54 5.86
N GLN A 169 -20.54 -3.33 5.69
CA GLN A 169 -21.45 -3.22 6.83
CA GLN A 169 -21.47 -3.21 6.82
C GLN A 169 -21.97 -4.55 7.36
N SER A 170 -21.92 -5.61 6.56
CA SER A 170 -22.43 -6.88 6.90
C SER A 170 -21.68 -7.55 8.04
N GLU A 171 -22.36 -8.46 8.73
CA GLU A 171 -21.68 -9.28 9.73
CA GLU A 171 -21.68 -9.28 9.73
C GLU A 171 -20.55 -10.09 9.07
N HIS A 172 -20.77 -10.57 7.85
CA HIS A 172 -19.76 -11.34 7.14
C HIS A 172 -18.47 -10.48 6.99
N SER A 173 -18.61 -9.26 6.52
CA SER A 173 -17.42 -8.43 6.29
C SER A 173 -16.79 -8.00 7.62
N ARG A 174 -17.65 -7.57 8.55
CA ARG A 174 -17.14 -7.08 9.83
C ARG A 174 -16.42 -8.20 10.60
N SER A 175 -16.91 -9.43 10.55
CA SER A 175 -16.20 -10.51 11.21
CA SER A 175 -16.24 -10.56 11.19
C SER A 175 -14.84 -10.79 10.61
N LYS A 176 -14.71 -10.61 9.29
CA LYS A 176 -13.38 -10.73 8.67
C LYS A 176 -12.51 -9.55 9.07
N GLY A 177 -13.11 -8.41 9.41
CA GLY A 177 -12.40 -7.28 9.97
C GLY A 177 -11.87 -7.58 11.37
N LEU A 178 -12.70 -8.17 12.23
CA LEU A 178 -12.20 -8.57 13.55
C LEU A 178 -11.07 -9.58 13.38
N ALA A 179 -11.17 -10.52 12.43
CA ALA A 179 -10.07 -11.44 12.20
C ALA A 179 -8.78 -10.72 11.83
N THR A 180 -8.90 -9.67 11.00
CA THR A 180 -7.71 -8.90 10.63
C THR A 180 -7.08 -8.22 11.83
N LEU A 181 -7.89 -7.65 12.70
CA LEU A 181 -7.36 -7.04 13.94
C LEU A 181 -6.57 -8.05 14.72
N GLY A 182 -7.05 -9.28 14.82
CA GLY A 182 -6.30 -10.28 15.54
C GLY A 182 -4.99 -10.62 14.84
N ARG A 183 -4.99 -10.71 13.50
CA ARG A 183 -3.77 -10.99 12.79
C ARG A 183 -2.74 -9.88 13.06
N LEU A 184 -3.18 -8.63 13.22
CA LEU A 184 -2.27 -7.49 13.50
C LEU A 184 -1.69 -7.53 14.91
N TYR A 185 -2.26 -8.41 15.76
CA TYR A 185 -1.76 -8.68 17.13
C TYR A 185 -0.55 -9.62 17.17
N GLU A 186 -0.34 -10.33 16.09
CA GLU A 186 0.64 -11.39 16.03
C GLU A 186 2.06 -10.90 16.26
N ARG A 187 2.39 -9.69 15.82
CA ARG A 187 3.72 -9.13 16.05
C ARG A 187 3.76 -8.73 17.48
N THR A 188 4.54 -9.48 18.26
CA THR A 188 4.62 -9.24 19.71
C THR A 188 5.82 -8.40 20.13
N THR A 189 6.87 -8.49 19.35
CA THR A 189 8.17 -8.03 19.75
C THR A 189 8.78 -7.04 18.75
N ASP A 190 9.46 -5.99 19.20
CA ASP A 190 10.17 -5.06 18.29
C ASP A 190 9.18 -4.46 17.31
N ARG A 191 8.10 -3.94 17.87
CA ARG A 191 7.02 -3.32 17.08
CA ARG A 191 7.03 -3.29 17.10
C ARG A 191 7.44 -1.92 16.67
N ASP A 192 6.80 -1.44 15.56
CA ASP A 192 7.05 -0.09 15.09
C ASP A 192 6.35 0.91 16.02
N GLN A 193 6.80 2.16 15.94
CA GLN A 193 6.07 3.28 16.51
CA GLN A 193 6.05 3.25 16.54
C GLN A 193 4.81 3.55 15.67
N ASP A 194 3.87 4.30 16.22
CA ASP A 194 2.72 4.77 15.45
C ASP A 194 3.17 5.80 14.45
N ALA A 195 2.29 6.18 13.51
N ALA A 195 2.28 6.04 13.50
CA ALA A 195 2.74 7.01 12.38
CA ALA A 195 2.42 7.17 12.66
C ALA A 195 3.37 8.36 12.75
C ALA A 195 2.24 8.36 13.57
N SER A 196 2.80 9.00 13.77
N SER A 196 3.15 9.26 13.40
CA SER A 196 3.09 10.42 14.21
CA SER A 196 3.17 10.45 14.16
C SER A 196 2.10 11.40 13.62
C SER A 196 2.13 11.43 13.61
N ALA A 197 1.76 12.42 14.42
CA ALA A 197 0.81 13.42 13.99
C ALA A 197 1.28 14.11 12.74
N GLN A 198 2.56 14.47 12.68
CA GLN A 198 3.06 15.18 11.50
C GLN A 198 2.88 14.33 10.24
N ALA A 199 3.21 13.04 10.32
CA ALA A 199 3.05 12.17 9.17
C ALA A 199 1.60 12.06 8.74
N ILE A 200 0.70 11.94 9.68
CA ILE A 200 -0.72 11.79 9.36
C ILE A 200 -1.20 13.05 8.62
N GLY A 201 -0.85 14.25 9.12
CA GLY A 201 -1.27 15.48 8.44
C GLY A 201 -0.71 15.62 7.04
N ALA A 202 0.56 15.23 6.86
CA ALA A 202 1.17 15.31 5.55
C ALA A 202 0.48 14.34 4.58
N GLN A 203 0.21 13.14 5.05
CA GLN A 203 -0.48 12.15 4.21
C GLN A 203 -1.89 12.55 3.87
N LEU A 204 -2.62 13.13 4.81
CA LEU A 204 -3.98 13.59 4.51
C LEU A 204 -3.95 14.63 3.41
N THR A 205 -2.98 15.54 3.48
CA THR A 205 -2.80 16.53 2.45
C THR A 205 -2.48 15.89 1.08
N ALA A 206 -1.54 14.94 1.09
CA ALA A 206 -1.08 14.28 -0.11
C ALA A 206 -2.23 13.50 -0.80
N ILE A 207 -3.03 12.82 0.00
CA ILE A 207 -4.09 12.00 -0.55
C ILE A 207 -5.17 12.89 -1.17
N THR A 208 -5.52 13.96 -0.47
CA THR A 208 -6.53 14.88 -0.99
C THR A 208 -6.05 15.50 -2.30
N ASN A 209 -4.82 15.94 -2.32
CA ASN A 209 -4.28 16.54 -3.53
C ASN A 209 -4.04 15.62 -4.71
N TRP A 210 -3.84 14.34 -4.45
CA TRP A 210 -3.81 13.35 -5.54
C TRP A 210 -5.13 13.45 -6.32
N GLY A 211 -6.24 13.67 -5.60
CA GLY A 211 -7.52 13.84 -6.25
C GLY A 211 -7.79 15.23 -6.79
N LYS A 212 -7.37 16.25 -6.06
CA LYS A 212 -7.70 17.62 -6.47
C LYS A 212 -6.90 18.12 -7.64
N LYS A 213 -5.66 17.73 -7.73
CA LYS A 213 -4.77 18.26 -8.76
C LYS A 213 -5.05 17.59 -10.10
N THR A 214 -4.94 18.36 -11.19
CA THR A 214 -5.06 17.80 -12.50
CA THR A 214 -5.10 17.76 -12.50
C THR A 214 -4.01 16.71 -12.70
N PRO A 215 -4.36 15.61 -13.40
CA PRO A 215 -3.33 14.58 -13.63
C PRO A 215 -2.08 15.15 -14.30
N SER A 216 -0.93 14.61 -13.92
CA SER A 216 0.36 15.05 -14.40
C SER A 216 1.01 14.05 -15.34
N PHE A 217 0.38 12.89 -15.51
CA PHE A 217 0.84 11.90 -16.48
C PHE A 217 -0.34 11.07 -16.92
N GLU A 218 -0.19 10.41 -18.06
CA GLU A 218 -1.23 9.58 -18.64
C GLU A 218 -1.12 8.17 -18.08
N ILE A 219 -2.21 7.69 -17.50
CA ILE A 219 -2.24 6.31 -16.99
CA ILE A 219 -2.29 6.30 -16.99
C ILE A 219 -1.94 5.31 -18.10
N THR A 220 -2.40 5.60 -19.32
CA THR A 220 -2.21 4.74 -20.46
CA THR A 220 -2.21 4.64 -20.40
C THR A 220 -0.73 4.51 -20.77
N SER A 221 0.14 5.43 -20.30
CA SER A 221 1.57 5.30 -20.54
C SER A 221 2.30 4.32 -19.63
N ILE A 222 1.62 3.79 -18.59
CA ILE A 222 2.27 2.83 -17.73
CA ILE A 222 2.25 2.82 -17.72
C ILE A 222 2.12 1.46 -18.41
N GLN A 223 3.24 0.97 -18.98
CA GLN A 223 3.18 -0.22 -19.82
CA GLN A 223 3.23 -0.21 -19.84
C GLN A 223 3.43 -1.53 -19.11
N HIS A 224 3.82 -1.46 -17.84
CA HIS A 224 4.13 -2.62 -17.06
C HIS A 224 2.92 -3.53 -16.87
N PRO A 225 3.15 -4.82 -16.65
CA PRO A 225 2.04 -5.66 -16.13
C PRO A 225 1.57 -5.12 -14.76
N VAL A 226 0.26 -4.99 -14.61
CA VAL A 226 -0.32 -4.48 -13.37
C VAL A 226 -1.41 -5.44 -12.91
N PHE A 227 -1.51 -5.62 -11.59
CA PHE A 227 -2.60 -6.38 -11.01
CA PHE A 227 -2.62 -6.40 -11.03
C PHE A 227 -3.33 -5.44 -10.06
N VAL A 228 -4.60 -5.17 -10.34
CA VAL A 228 -5.39 -4.18 -9.58
C VAL A 228 -6.41 -4.99 -8.77
N VAL A 229 -6.44 -4.77 -7.45
CA VAL A 229 -7.36 -5.45 -6.55
C VAL A 229 -8.21 -4.41 -5.81
N GLN A 230 -9.50 -4.70 -5.69
CA GLN A 230 -10.42 -3.82 -4.98
C GLN A 230 -11.62 -4.62 -4.47
N GLY A 231 -12.29 -4.09 -3.45
CA GLY A 231 -13.52 -4.69 -2.98
C GLY A 231 -14.75 -4.14 -3.71
N SER A 232 -15.91 -4.72 -3.42
CA SER A 232 -17.14 -4.31 -4.06
C SER A 232 -17.53 -2.87 -3.76
N ASN A 233 -17.17 -2.31 -2.60
CA ASN A 233 -17.54 -0.94 -2.26
C ASN A 233 -16.52 -0.25 -1.37
N ASP A 234 -15.47 0.28 -2.02
CA ASP A 234 -14.45 1.08 -1.34
C ASP A 234 -14.99 2.53 -1.34
N GLU A 235 -15.47 2.95 -0.17
CA GLU A 235 -16.01 4.32 0.03
CA GLU A 235 -16.03 4.31 -0.08
C GLU A 235 -14.98 5.43 -0.18
N ASP A 238 -13.72 4.79 -4.30
CA ASP A 238 -14.80 4.40 -5.27
C ASP A 238 -14.31 3.14 -6.04
N THR A 239 -14.98 2.03 -5.83
CA THR A 239 -14.64 0.82 -6.55
C THR A 239 -14.56 1.05 -8.05
N TYR A 240 -15.44 1.89 -8.62
CA TYR A 240 -15.40 2.08 -10.06
C TYR A 240 -14.11 2.64 -10.56
N ASN A 241 -13.40 3.36 -9.70
CA ASN A 241 -12.07 3.87 -10.09
C ASN A 241 -11.02 2.78 -10.31
N SER A 242 -11.25 1.59 -9.77
CA SER A 242 -10.39 0.47 -10.08
C SER A 242 -10.72 -0.12 -11.45
N TYR A 243 -12.00 -0.13 -11.79
CA TYR A 243 -12.39 -0.42 -13.17
CA TYR A 243 -12.43 -0.42 -13.16
C TYR A 243 -11.79 0.60 -14.13
N GLU A 244 -11.76 1.88 -13.75
CA GLU A 244 -11.10 2.89 -14.57
CA GLU A 244 -11.13 2.90 -14.58
C GLU A 244 -9.62 2.62 -14.76
N LEU A 245 -8.92 2.23 -13.70
CA LEU A 245 -7.52 1.83 -13.83
C LEU A 245 -7.39 0.71 -14.86
N PHE A 246 -8.22 -0.30 -14.74
CA PHE A 246 -8.19 -1.45 -15.65
C PHE A 246 -8.46 -1.00 -17.10
N LYS A 247 -9.43 -0.10 -17.30
CA LYS A 247 -9.74 0.38 -18.65
C LYS A 247 -8.59 1.16 -19.27
N GLN A 248 -7.92 2.00 -18.49
CA GLN A 248 -6.94 2.91 -19.00
CA GLN A 248 -6.91 2.92 -18.98
C GLN A 248 -5.56 2.28 -19.16
N LEU A 249 -5.19 1.38 -18.24
CA LEU A 249 -3.92 0.69 -18.33
C LEU A 249 -3.92 -0.30 -19.49
N PRO A 250 -2.78 -0.44 -20.17
CA PRO A 250 -2.75 -1.37 -21.31
C PRO A 250 -2.61 -2.83 -20.93
N ASP A 251 -2.02 -3.12 -19.77
CA ASP A 251 -1.75 -4.50 -19.37
C ASP A 251 -2.07 -4.76 -17.90
N ALA A 252 -3.31 -4.44 -17.52
CA ALA A 252 -3.75 -4.69 -16.14
C ALA A 252 -4.77 -5.82 -16.08
N ILE A 253 -4.57 -6.68 -15.08
CA ILE A 253 -5.59 -7.63 -14.66
C ILE A 253 -6.35 -6.99 -13.48
N LEU A 254 -7.67 -7.08 -13.50
CA LEU A 254 -8.48 -6.60 -12.38
C LEU A 254 -9.05 -7.78 -11.61
N SER A 255 -9.07 -7.70 -10.29
CA SER A 255 -9.85 -8.59 -9.41
CA SER A 255 -9.97 -8.55 -9.51
C SER A 255 -10.70 -7.75 -8.48
N LEU A 256 -12.00 -8.02 -8.46
CA LEU A 256 -12.88 -7.42 -7.47
C LEU A 256 -13.42 -8.50 -6.54
N TYR A 257 -13.38 -8.18 -5.24
CA TYR A 257 -13.75 -9.14 -4.18
C TYR A 257 -15.12 -8.82 -3.57
N PRO A 258 -15.90 -9.85 -3.27
CA PRO A 258 -17.32 -9.61 -2.90
C PRO A 258 -17.52 -9.11 -1.50
N ASP A 259 -18.56 -8.29 -1.34
CA ASP A 259 -19.01 -7.80 -0.02
C ASP A 259 -17.84 -7.30 0.80
N ALA A 260 -17.04 -6.43 0.18
CA ALA A 260 -15.81 -5.95 0.74
C ALA A 260 -15.62 -4.49 0.43
N ALA A 261 -14.62 -3.87 1.06
CA ALA A 261 -14.49 -2.42 0.97
C ALA A 261 -13.03 -2.08 0.79
N HIS A 262 -12.60 -0.93 1.32
CA HIS A 262 -11.25 -0.45 1.10
C HIS A 262 -10.17 -1.42 1.54
N GLY A 263 -10.45 -2.24 2.56
CA GLY A 263 -9.54 -3.25 3.00
C GLY A 263 -9.73 -4.62 2.39
N SER A 264 -10.09 -4.65 1.10
CA SER A 264 -10.36 -5.89 0.40
C SER A 264 -9.38 -7.04 0.69
N PHE A 265 -8.09 -6.78 0.56
CA PHE A 265 -7.10 -7.85 0.73
C PHE A 265 -6.96 -8.31 2.18
N TYR A 266 -7.35 -7.48 3.16
CA TYR A 266 -7.46 -7.94 4.54
C TYR A 266 -8.63 -8.87 4.71
N GLN A 267 -9.69 -8.63 3.94
CA GLN A 267 -10.87 -9.48 4.03
C GLN A 267 -10.63 -10.87 3.48
N TYR A 268 -9.85 -10.97 2.39
CA TYR A 268 -9.58 -12.23 1.72
C TYR A 268 -8.07 -12.37 1.46
N PRO A 269 -7.29 -12.49 2.53
CA PRO A 269 -5.85 -12.47 2.37
C PRO A 269 -5.30 -13.69 1.63
N GLU A 270 -5.88 -14.87 1.83
CA GLU A 270 -5.38 -16.03 1.13
CA GLU A 270 -5.39 -16.05 1.13
C GLU A 270 -5.72 -16.03 -0.38
N LEU A 271 -6.90 -15.46 -0.71
CA LEU A 271 -7.26 -15.25 -2.11
C LEU A 271 -6.23 -14.28 -2.75
N PHE A 272 -5.99 -13.19 -2.03
CA PHE A 272 -5.03 -12.19 -2.54
C PHE A 272 -3.65 -12.80 -2.78
N VAL A 273 -3.15 -13.56 -1.79
CA VAL A 273 -1.84 -14.20 -1.96
C VAL A 273 -1.83 -15.13 -3.15
N SER A 274 -2.88 -15.96 -3.28
CA SER A 274 -2.95 -16.89 -4.40
C SER A 274 -2.89 -16.20 -5.76
N GLN A 275 -3.66 -15.13 -5.85
CA GLN A 275 -3.70 -14.39 -7.12
C GLN A 275 -2.40 -13.67 -7.41
N THR A 276 -1.85 -13.02 -6.38
CA THR A 276 -0.64 -12.20 -6.49
CA THR A 276 -0.65 -12.21 -6.63
C THR A 276 0.61 -13.06 -6.76
N GLU A 277 0.68 -14.22 -6.10
CA GLU A 277 1.80 -15.10 -6.32
C GLU A 277 1.84 -15.57 -7.77
N TYR A 278 0.71 -15.96 -8.36
CA TYR A 278 0.69 -16.29 -9.74
C TYR A 278 1.12 -15.13 -10.63
N PHE A 279 0.54 -13.96 -10.38
CA PHE A 279 0.86 -12.80 -11.14
C PHE A 279 2.38 -12.55 -11.16
N LEU A 280 2.99 -12.53 -10.00
CA LEU A 280 4.43 -12.24 -9.92
C LEU A 280 5.29 -13.34 -10.52
N ASP A 281 4.91 -14.59 -10.28
CA ASP A 281 5.79 -15.67 -10.73
CA ASP A 281 5.69 -15.80 -10.69
C ASP A 281 5.60 -16.03 -12.18
N SER A 282 4.40 -15.80 -12.73
CA SER A 282 4.06 -16.39 -14.01
C SER A 282 3.45 -15.51 -15.08
N TYR A 283 2.75 -14.43 -14.72
CA TYR A 283 2.05 -13.68 -15.75
C TYR A 283 3.01 -12.93 -16.68
#